data_1NYL
#
_entry.id   1NYL
#
_cell.length_a   41.400
_cell.length_b   64.120
_cell.length_c   208.880
_cell.angle_alpha   90.00
_cell.angle_beta   90.00
_cell.angle_gamma   90.00
#
_symmetry.space_group_name_H-M   'P 21 21 21'
#
loop_
_entity.id
_entity.type
_entity.pdbx_description
1 polymer 'Glutaminyl-tRNA synthetase'
2 water water
#
_entity_poly.entity_id   1
_entity_poly.type   'polypeptide(L)'
_entity_poly.pdbx_seq_one_letter_code
;TNFIRQIIDEDLASGKHTTVHTRFPPEPNGYLHIGHAKSICLNFGIAQDYKGQCNLRFDDTNPVKEDIEYVESIKNDVEW
LGFHWSGNVRYSSDYFDQLHAYAIELINKGLAYVDELTPEQIREYRGTLTQPGKNSPYRDRSVEENLALFEKMRAGGFEE
GKACLRAKIDMASPFIVMRDPVLYRIKFAEHHQTGNKWCIYPMYDFTHCISDALEGITHSLCTLEFQDNRRLYDWVLDNI
TIPVHPRQYEFSRLNLEYTVMSKRKLNLLVTDKHVEGWDDPRMPTISGLRRRGYTAASIREFCKRIGVTKQDNTIEMASL
ESCIREDLNENAPRAMAVIDPVKLVIENYQGEGEMVTMPNHPNKPEMGSRQVPFSGEIWIDRADFREEANKQYKRLVLGK
EVRLRNAYVIKAERVEKDAEGNITTIFCTYDADTLSKDPADGRKVKGVIHWVSAAHALPVEIRLYDRLFSVPNPGAADDF
LSVINPESLVIKQGFAEPSLKDAVAGKAFQFEREGYFCLDSRHSTAEKPVFNRTVGLRD
;
_entity_poly.pdbx_strand_id   A
#
# COMPACT_ATOMS: atom_id res chain seq x y z
N THR A 1 -6.81 -1.93 -22.02
CA THR A 1 -5.99 -2.40 -23.16
C THR A 1 -5.33 -3.76 -22.92
N ASN A 2 -5.39 -4.23 -21.68
CA ASN A 2 -4.77 -5.50 -21.30
C ASN A 2 -5.51 -6.73 -21.81
N PHE A 3 -4.77 -7.83 -21.89
CA PHE A 3 -5.30 -9.10 -22.37
C PHE A 3 -6.56 -9.50 -21.59
N ILE A 4 -6.60 -9.21 -20.29
CA ILE A 4 -7.78 -9.57 -19.51
C ILE A 4 -9.04 -8.89 -20.02
N ARG A 5 -9.01 -7.57 -20.13
CA ARG A 5 -10.19 -6.87 -20.61
C ARG A 5 -10.60 -7.40 -21.98
N GLN A 6 -9.59 -7.81 -22.77
CA GLN A 6 -9.85 -8.34 -24.11
C GLN A 6 -10.49 -9.73 -24.03
N ILE A 7 -10.15 -10.49 -23.00
CA ILE A 7 -10.71 -11.81 -22.81
C ILE A 7 -12.13 -11.64 -22.26
N ILE A 8 -12.35 -10.62 -21.46
CA ILE A 8 -13.68 -10.39 -20.91
C ILE A 8 -14.56 -9.95 -22.07
N ASP A 9 -14.01 -9.13 -22.96
CA ASP A 9 -14.76 -8.68 -24.12
C ASP A 9 -15.30 -9.92 -24.84
N GLU A 10 -14.43 -10.89 -25.04
CA GLU A 10 -14.79 -12.13 -25.71
C GLU A 10 -16.01 -12.77 -25.07
N ASP A 11 -15.83 -13.29 -23.86
CA ASP A 11 -16.92 -13.95 -23.14
C ASP A 11 -18.08 -13.01 -22.89
N LEU A 12 -18.20 -11.97 -23.71
CA LEU A 12 -19.28 -11.02 -23.53
C LEU A 12 -20.13 -11.02 -24.79
N ALA A 13 -19.46 -11.17 -25.93
CA ALA A 13 -20.12 -11.20 -27.23
C ALA A 13 -20.55 -12.62 -27.58
N SER A 14 -19.56 -13.47 -27.87
CA SER A 14 -19.81 -14.85 -28.20
C SER A 14 -20.84 -15.47 -27.24
N GLY A 15 -20.93 -14.91 -26.04
CA GLY A 15 -21.90 -15.41 -25.07
C GLY A 15 -21.44 -16.11 -23.80
N LYS A 16 -20.19 -16.55 -23.75
CA LYS A 16 -19.66 -17.26 -22.58
C LYS A 16 -20.09 -16.66 -21.23
N HIS A 17 -20.27 -15.33 -21.20
CA HIS A 17 -20.68 -14.62 -19.99
C HIS A 17 -21.62 -13.46 -20.37
N THR A 18 -22.42 -12.99 -19.41
CA THR A 18 -23.37 -11.89 -19.65
C THR A 18 -22.89 -10.59 -19.02
N THR A 19 -22.60 -10.64 -17.73
CA THR A 19 -22.11 -9.48 -17.01
C THR A 19 -20.72 -9.86 -16.55
N VAL A 20 -20.25 -9.21 -15.49
CA VAL A 20 -18.93 -9.50 -14.95
C VAL A 20 -18.96 -9.47 -13.45
N HIS A 21 -18.38 -10.48 -12.83
CA HIS A 21 -18.35 -10.57 -11.37
C HIS A 21 -16.95 -10.92 -10.88
N THR A 22 -16.30 -10.00 -10.19
CA THR A 22 -14.95 -10.24 -9.68
C THR A 22 -14.94 -10.17 -8.16
N ARG A 23 -13.76 -10.36 -7.59
CA ARG A 23 -13.62 -10.32 -6.13
C ARG A 23 -12.18 -10.01 -5.76
N PHE A 24 -11.98 -9.64 -4.51
CA PHE A 24 -10.67 -9.32 -3.99
C PHE A 24 -10.49 -10.13 -2.71
N PRO A 25 -9.62 -11.15 -2.75
CA PRO A 25 -9.42 -11.94 -1.54
C PRO A 25 -8.19 -11.51 -0.77
N PRO A 26 -8.32 -10.47 0.06
CA PRO A 26 -7.17 -10.00 0.84
C PRO A 26 -6.71 -11.05 1.85
N GLU A 27 -6.56 -10.63 3.09
CA GLU A 27 -6.13 -11.52 4.18
C GLU A 27 -6.29 -10.86 5.55
N PRO A 28 -7.22 -11.36 6.39
CA PRO A 28 -7.45 -10.80 7.73
C PRO A 28 -6.26 -11.11 8.64
N ASN A 29 -5.08 -11.19 8.03
CA ASN A 29 -3.84 -11.49 8.73
C ASN A 29 -2.90 -10.28 8.69
N GLY A 30 -3.19 -9.31 7.82
CA GLY A 30 -2.34 -8.13 7.69
C GLY A 30 -2.97 -6.88 7.09
N TYR A 31 -2.14 -5.85 6.92
CA TYR A 31 -2.57 -4.57 6.35
C TYR A 31 -2.26 -4.48 4.85
N LEU A 32 -3.08 -3.72 4.11
CA LEU A 32 -2.92 -3.53 2.67
C LEU A 32 -1.76 -2.61 2.36
N HIS A 33 -0.84 -3.05 1.51
CA HIS A 33 0.29 -2.20 1.10
C HIS A 33 0.04 -1.74 -0.33
N ILE A 34 1.04 -1.14 -0.99
CA ILE A 34 0.80 -0.68 -2.34
C ILE A 34 0.69 -1.79 -3.39
N GLY A 35 1.15 -3.00 -3.06
CA GLY A 35 1.01 -4.10 -4.00
C GLY A 35 -0.46 -4.48 -4.11
N HIS A 36 -1.16 -4.55 -2.97
CA HIS A 36 -2.56 -4.90 -2.97
C HIS A 36 -3.36 -3.92 -3.83
N ALA A 37 -2.82 -2.72 -4.02
CA ALA A 37 -3.51 -1.73 -4.81
C ALA A 37 -3.72 -2.18 -6.25
N LYS A 38 -2.78 -2.95 -6.77
CA LYS A 38 -2.91 -3.42 -8.14
C LYS A 38 -4.12 -4.35 -8.30
N SER A 39 -4.20 -5.35 -7.42
CA SER A 39 -5.29 -6.32 -7.44
C SER A 39 -6.61 -5.62 -7.15
N ILE A 40 -6.57 -4.70 -6.20
CA ILE A 40 -7.73 -3.91 -5.82
C ILE A 40 -8.20 -3.15 -7.06
N CYS A 41 -7.25 -2.52 -7.74
CA CYS A 41 -7.53 -1.74 -8.94
C CYS A 41 -8.05 -2.58 -10.13
N LEU A 42 -7.50 -3.78 -10.35
CA LEU A 42 -7.96 -4.62 -11.46
C LEU A 42 -9.32 -5.26 -11.16
N ASN A 43 -9.51 -5.76 -9.94
CA ASN A 43 -10.75 -6.41 -9.57
C ASN A 43 -11.95 -5.48 -9.42
N PHE A 44 -11.77 -4.30 -8.82
CA PHE A 44 -12.88 -3.38 -8.67
C PHE A 44 -13.02 -2.53 -9.91
N GLY A 45 -11.88 -2.05 -10.44
CA GLY A 45 -11.90 -1.22 -11.62
C GLY A 45 -12.61 -1.90 -12.77
N ILE A 46 -12.17 -3.11 -13.08
CA ILE A 46 -12.78 -3.89 -14.14
C ILE A 46 -14.29 -4.11 -13.90
N ALA A 47 -14.68 -4.21 -12.64
CA ALA A 47 -16.07 -4.44 -12.31
C ALA A 47 -17.01 -3.24 -12.50
N GLN A 48 -16.50 -2.04 -12.29
CA GLN A 48 -17.34 -0.86 -12.45
C GLN A 48 -17.33 -0.37 -13.89
N ASP A 49 -16.40 -0.90 -14.69
CA ASP A 49 -16.28 -0.54 -16.08
C ASP A 49 -17.41 -1.15 -16.89
N TYR A 50 -17.49 -2.47 -16.88
CA TYR A 50 -18.55 -3.16 -17.61
C TYR A 50 -19.83 -3.16 -16.79
N LYS A 51 -20.07 -2.08 -16.04
CA LYS A 51 -21.26 -2.01 -15.19
C LYS A 51 -21.55 -3.41 -14.67
N GLY A 52 -20.71 -3.88 -13.77
CA GLY A 52 -20.85 -5.21 -13.20
C GLY A 52 -20.48 -5.24 -11.73
N GLN A 53 -20.13 -6.39 -11.19
CA GLN A 53 -19.78 -6.45 -9.77
C GLN A 53 -18.46 -7.10 -9.35
N CYS A 54 -18.03 -6.75 -8.14
CA CYS A 54 -16.81 -7.28 -7.53
C CYS A 54 -17.03 -7.46 -6.05
N ASN A 55 -16.86 -8.67 -5.54
CA ASN A 55 -17.05 -8.89 -4.11
C ASN A 55 -15.75 -8.79 -3.30
N LEU A 56 -15.92 -8.74 -1.97
CA LEU A 56 -14.84 -8.66 -1.00
C LEU A 56 -14.95 -9.83 -0.01
N ARG A 57 -14.11 -10.85 -0.18
CA ARG A 57 -14.14 -12.02 0.70
C ARG A 57 -12.91 -12.21 1.59
N PHE A 58 -13.10 -12.12 2.90
CA PHE A 58 -11.99 -12.32 3.83
C PHE A 58 -11.93 -13.83 4.07
N ASP A 59 -10.79 -14.33 4.50
CA ASP A 59 -10.67 -15.75 4.75
C ASP A 59 -10.42 -16.00 6.23
N ASP A 60 -11.49 -16.30 6.97
CA ASP A 60 -11.39 -16.57 8.41
C ASP A 60 -11.41 -18.05 8.67
N THR A 61 -11.03 -18.82 7.66
CA THR A 61 -10.99 -20.29 7.74
C THR A 61 -10.13 -20.74 8.93
N ASN A 62 -9.06 -20.01 9.21
CA ASN A 62 -8.14 -20.34 10.29
C ASN A 62 -8.71 -20.13 11.69
N PRO A 63 -9.10 -21.22 12.35
CA PRO A 63 -9.66 -21.11 13.70
C PRO A 63 -8.60 -20.72 14.74
N LYS A 65 -8.29 -16.18 16.28
CA LYS A 65 -7.39 -15.02 16.22
C LYS A 65 -7.75 -14.12 15.03
N GLU A 66 -9.03 -13.86 14.84
CA GLU A 66 -9.50 -13.02 13.75
C GLU A 66 -8.95 -11.60 13.89
N ASP A 67 -8.67 -11.22 15.14
CA ASP A 67 -8.17 -9.90 15.51
C ASP A 67 -8.93 -8.81 14.77
N ILE A 68 -10.23 -8.77 15.06
CA ILE A 68 -11.13 -7.80 14.46
C ILE A 68 -10.55 -6.39 14.48
N GLU A 69 -10.01 -6.00 13.34
CA GLU A 69 -9.42 -4.68 13.14
C GLU A 69 -8.98 -4.62 11.69
N TYR A 70 -8.32 -5.70 11.27
CA TYR A 70 -7.84 -5.82 9.91
C TYR A 70 -9.00 -5.74 8.92
N VAL A 71 -10.05 -6.52 9.16
CA VAL A 71 -11.20 -6.51 8.26
C VAL A 71 -11.78 -5.11 8.13
N GLU A 72 -11.89 -4.41 9.25
CA GLU A 72 -12.41 -3.05 9.23
C GLU A 72 -11.36 -2.10 8.64
N SER A 73 -10.09 -2.42 8.90
CA SER A 73 -9.00 -1.61 8.39
C SER A 73 -8.87 -1.73 6.88
N ILE A 74 -9.14 -2.94 6.37
CA ILE A 74 -9.04 -3.24 4.95
C ILE A 74 -10.21 -2.65 4.18
N LYS A 75 -11.40 -2.74 4.78
CA LYS A 75 -12.62 -2.19 4.19
C LYS A 75 -12.48 -0.69 4.02
N ASN A 76 -11.91 -0.06 5.04
CA ASN A 76 -11.72 1.39 5.03
C ASN A 76 -10.74 1.81 3.95
N ASP A 77 -9.61 1.11 3.90
CA ASP A 77 -8.56 1.39 2.92
C ASP A 77 -9.11 1.27 1.50
N VAL A 78 -10.02 0.32 1.30
CA VAL A 78 -10.63 0.07 0.00
C VAL A 78 -11.62 1.13 -0.48
N GLU A 79 -12.47 1.61 0.42
CA GLU A 79 -13.44 2.63 0.05
C GLU A 79 -12.69 3.94 -0.19
N TRP A 80 -11.65 4.16 0.60
CA TRP A 80 -10.84 5.36 0.45
C TRP A 80 -10.31 5.44 -0.98
N LEU A 81 -9.92 4.30 -1.53
CA LEU A 81 -9.41 4.24 -2.90
C LEU A 81 -10.48 4.63 -3.92
N GLY A 82 -11.75 4.47 -3.54
CA GLY A 82 -12.85 4.83 -4.41
C GLY A 82 -13.64 3.63 -4.93
N PHE A 83 -13.40 2.48 -4.33
CA PHE A 83 -14.07 1.28 -4.79
C PHE A 83 -15.12 0.80 -3.82
N HIS A 84 -16.12 0.10 -4.34
CA HIS A 84 -17.21 -0.43 -3.54
C HIS A 84 -17.39 -1.91 -3.85
N TRP A 85 -17.53 -2.72 -2.80
CA TRP A 85 -17.70 -4.15 -2.97
C TRP A 85 -19.17 -4.57 -3.06
N SER A 86 -19.44 -5.60 -3.85
CA SER A 86 -20.82 -6.11 -4.05
C SER A 86 -21.36 -6.81 -2.79
N GLY A 87 -22.65 -6.59 -2.52
CA GLY A 87 -23.29 -7.18 -1.35
C GLY A 87 -22.56 -6.98 -0.03
N ASN A 88 -22.68 -7.94 0.88
CA ASN A 88 -22.02 -7.86 2.18
C ASN A 88 -20.60 -8.37 2.05
N VAL A 89 -19.82 -8.14 3.10
CA VAL A 89 -18.44 -8.60 3.17
C VAL A 89 -18.51 -10.12 3.32
N ARG A 90 -18.19 -10.86 2.27
CA ARG A 90 -18.25 -12.32 2.31
C ARG A 90 -17.11 -12.96 3.13
N TYR A 91 -17.37 -14.14 3.69
CA TYR A 91 -16.42 -14.87 4.52
C TYR A 91 -16.37 -16.36 4.16
N SER A 92 -15.18 -16.87 3.87
CA SER A 92 -15.02 -18.28 3.53
C SER A 92 -15.70 -19.20 4.56
N SER A 93 -15.69 -18.81 5.82
CA SER A 93 -16.33 -19.63 6.86
C SER A 93 -17.81 -19.73 6.62
N ASP A 94 -18.31 -18.94 5.67
CA ASP A 94 -19.72 -18.97 5.36
C ASP A 94 -20.08 -20.27 4.68
N TYR A 95 -19.18 -20.70 3.80
CA TYR A 95 -19.35 -21.89 2.97
C TYR A 95 -19.03 -23.27 3.51
N PHE A 96 -18.68 -23.40 4.79
CA PHE A 96 -18.33 -24.69 5.35
C PHE A 96 -19.23 -25.86 5.01
N ASP A 97 -20.53 -25.64 5.00
CA ASP A 97 -21.44 -26.73 4.72
C ASP A 97 -21.27 -27.21 3.31
N GLN A 98 -21.30 -26.29 2.36
CA GLN A 98 -21.15 -26.64 0.96
C GLN A 98 -19.78 -27.27 0.69
N LEU A 99 -18.74 -26.75 1.33
CA LEU A 99 -17.41 -27.29 1.13
C LEU A 99 -17.43 -28.77 1.55
N HIS A 100 -17.95 -28.99 2.76
CA HIS A 100 -18.04 -30.31 3.35
C HIS A 100 -18.83 -31.29 2.47
N ALA A 101 -19.96 -30.84 1.92
CA ALA A 101 -20.79 -31.69 1.06
C ALA A 101 -20.09 -31.91 -0.27
N TYR A 102 -19.59 -30.83 -0.86
CA TYR A 102 -18.86 -30.98 -2.13
C TYR A 102 -17.70 -31.95 -1.99
N ALA A 103 -17.11 -32.06 -0.79
CA ALA A 103 -16.00 -33.00 -0.61
C ALA A 103 -16.55 -34.43 -0.60
N ILE A 104 -17.72 -34.61 -0.01
CA ILE A 104 -18.37 -35.94 0.03
C ILE A 104 -18.60 -36.35 -1.41
N GLU A 105 -19.17 -35.46 -2.20
CA GLU A 105 -19.40 -35.77 -3.61
C GLU A 105 -18.13 -36.38 -4.24
N LEU A 106 -16.98 -35.71 -4.08
CA LEU A 106 -15.75 -36.25 -4.65
C LEU A 106 -15.46 -37.65 -4.09
N ILE A 107 -15.79 -37.87 -2.82
CA ILE A 107 -15.57 -39.18 -2.20
C ILE A 107 -16.41 -40.24 -2.88
N ASN A 108 -17.64 -39.87 -3.23
CA ASN A 108 -18.54 -40.80 -3.89
C ASN A 108 -18.08 -41.15 -5.32
N LYS A 109 -17.43 -40.22 -6.00
CA LYS A 109 -16.95 -40.46 -7.36
C LYS A 109 -15.57 -41.14 -7.36
N GLY A 110 -15.15 -41.60 -6.19
CA GLY A 110 -13.87 -42.25 -6.10
C GLY A 110 -12.76 -41.27 -6.45
N LEU A 111 -13.03 -39.98 -6.25
CA LEU A 111 -12.07 -38.92 -6.53
C LEU A 111 -11.49 -38.25 -5.27
N ALA A 112 -11.63 -38.89 -4.12
CA ALA A 112 -11.10 -38.35 -2.87
C ALA A 112 -11.03 -39.47 -1.84
N TYR A 113 -10.02 -39.45 -0.98
CA TYR A 113 -9.88 -40.49 0.03
C TYR A 113 -9.27 -40.02 1.32
N VAL A 114 -9.56 -40.79 2.37
CA VAL A 114 -9.04 -40.53 3.70
C VAL A 114 -7.71 -41.23 3.81
N ASP A 115 -6.71 -40.48 4.25
CA ASP A 115 -5.36 -40.99 4.37
C ASP A 115 -4.90 -41.01 5.83
N GLU A 116 -4.26 -42.10 6.23
CA GLU A 116 -3.77 -42.22 7.60
C GLU A 116 -2.25 -42.26 7.67
N LEU A 117 -1.62 -41.78 6.62
CA LEU A 117 -0.17 -41.69 6.53
C LEU A 117 0.14 -40.41 7.33
N THR A 118 1.25 -40.37 8.08
CA THR A 118 1.57 -39.16 8.86
C THR A 118 1.95 -37.98 7.98
N PRO A 119 1.70 -36.74 8.45
CA PRO A 119 2.02 -35.54 7.69
C PRO A 119 3.47 -35.54 7.20
N GLU A 120 4.31 -36.25 7.94
CA GLU A 120 5.73 -36.38 7.60
C GLU A 120 5.87 -37.38 6.46
N GLN A 121 5.08 -38.45 6.52
CA GLN A 121 5.12 -39.45 5.46
C GLN A 121 4.59 -38.82 4.18
N ILE A 122 3.41 -38.21 4.29
CA ILE A 122 2.80 -37.60 3.14
C ILE A 122 3.80 -36.65 2.52
N ARG A 123 4.56 -35.94 3.36
CA ARG A 123 5.55 -35.00 2.86
C ARG A 123 6.62 -35.70 2.01
N GLU A 124 7.03 -36.89 2.44
CA GLU A 124 8.04 -37.64 1.70
C GLU A 124 7.45 -38.36 0.49
N TYR A 125 6.34 -39.05 0.69
CA TYR A 125 5.71 -39.77 -0.43
C TYR A 125 5.38 -38.85 -1.60
N ARG A 126 5.26 -37.54 -1.35
CA ARG A 126 4.92 -36.64 -2.44
C ARG A 126 6.03 -36.45 -3.46
N GLY A 127 7.23 -36.91 -3.14
CA GLY A 127 8.35 -36.77 -4.05
C GLY A 127 8.73 -35.32 -4.26
N THR A 128 9.25 -34.99 -5.45
CA THR A 128 9.66 -33.63 -5.78
C THR A 128 9.58 -33.37 -7.28
N LEU A 129 9.97 -32.17 -7.71
CA LEU A 129 9.98 -31.86 -9.14
C LEU A 129 10.90 -32.88 -9.80
N THR A 130 11.79 -33.45 -9.02
CA THR A 130 12.74 -34.44 -9.53
C THR A 130 12.26 -35.87 -9.29
N GLN A 131 12.30 -36.33 -8.03
CA GLN A 131 11.86 -37.69 -7.73
C GLN A 131 10.32 -37.79 -7.76
N PRO A 132 9.79 -38.75 -8.55
CA PRO A 132 8.35 -38.94 -8.65
C PRO A 132 7.75 -39.19 -7.27
N GLY A 133 6.43 -39.07 -7.15
CA GLY A 133 5.80 -39.32 -5.87
C GLY A 133 5.27 -40.73 -5.81
N LYS A 134 4.77 -41.12 -4.64
CA LYS A 134 4.21 -42.46 -4.47
C LYS A 134 2.77 -42.38 -3.94
N ASN A 135 1.96 -43.38 -4.24
CA ASN A 135 0.58 -43.43 -3.78
C ASN A 135 0.58 -43.91 -2.33
N SER A 136 -0.32 -43.38 -1.51
CA SER A 136 -0.40 -43.84 -0.14
C SER A 136 -0.88 -45.27 -0.20
N PRO A 137 -0.53 -46.08 0.80
CA PRO A 137 -1.00 -47.47 0.74
C PRO A 137 -2.51 -47.48 0.99
N TYR A 138 -3.06 -46.30 1.30
CA TYR A 138 -4.49 -46.13 1.57
C TYR A 138 -5.23 -45.50 0.39
N ARG A 139 -4.50 -45.20 -0.67
CA ARG A 139 -5.06 -44.54 -1.85
C ARG A 139 -6.23 -45.22 -2.56
N ASP A 140 -6.19 -46.53 -2.70
CA ASP A 140 -7.27 -47.22 -3.40
C ASP A 140 -8.39 -47.73 -2.53
N ARG A 141 -8.65 -47.04 -1.43
CA ARG A 141 -9.74 -47.46 -0.54
C ARG A 141 -11.11 -47.29 -1.17
N SER A 142 -12.05 -48.10 -0.70
CA SER A 142 -13.43 -48.14 -1.15
C SER A 142 -14.21 -46.85 -0.99
N VAL A 143 -15.23 -46.66 -1.80
CA VAL A 143 -16.06 -45.46 -1.67
C VAL A 143 -16.71 -45.41 -0.29
N GLU A 144 -17.11 -46.58 0.21
CA GLU A 144 -17.77 -46.70 1.52
C GLU A 144 -16.87 -46.55 2.73
N GLU A 145 -15.62 -47.01 2.61
CA GLU A 145 -14.68 -46.88 3.71
C GLU A 145 -14.38 -45.39 3.88
N ASN A 146 -13.99 -44.74 2.78
CA ASN A 146 -13.69 -43.31 2.81
C ASN A 146 -14.88 -42.53 3.38
N LEU A 147 -16.06 -42.79 2.83
CA LEU A 147 -17.25 -42.10 3.28
C LEU A 147 -17.31 -42.22 4.80
N ALA A 148 -17.13 -43.45 5.30
CA ALA A 148 -17.18 -43.71 6.74
C ALA A 148 -16.04 -43.04 7.52
N LEU A 149 -14.81 -43.21 7.04
CA LEU A 149 -13.68 -42.59 7.71
C LEU A 149 -13.74 -41.06 7.75
N PHE A 150 -14.43 -40.45 6.79
CA PHE A 150 -14.56 -38.97 6.75
C PHE A 150 -15.56 -38.46 7.78
N GLU A 151 -16.61 -39.25 8.05
CA GLU A 151 -17.60 -38.87 9.06
C GLU A 151 -16.94 -39.09 10.42
N LYS A 152 -16.13 -40.13 10.54
CA LYS A 152 -15.43 -40.36 11.80
C LYS A 152 -14.63 -39.08 12.06
N MET A 153 -13.85 -38.65 11.06
CA MET A 153 -13.04 -37.43 11.17
C MET A 153 -13.91 -36.26 11.66
N ARG A 154 -14.99 -35.97 10.91
CA ARG A 154 -15.86 -34.87 11.25
C ARG A 154 -16.48 -35.02 12.64
N ALA A 155 -16.71 -36.26 13.07
CA ALA A 155 -17.32 -36.51 14.37
C ALA A 155 -16.27 -36.43 15.48
N GLY A 156 -15.01 -36.27 15.09
CA GLY A 156 -13.94 -36.18 16.07
C GLY A 156 -13.31 -37.47 16.55
N GLY A 157 -13.62 -38.59 15.90
CA GLY A 157 -13.06 -39.86 16.32
C GLY A 157 -11.58 -40.06 16.04
N PHE A 158 -10.99 -39.16 15.27
CA PHE A 158 -9.57 -39.25 14.94
C PHE A 158 -8.76 -38.15 15.62
N GLU A 159 -7.57 -38.52 16.10
CA GLU A 159 -6.65 -37.58 16.73
C GLU A 159 -6.07 -36.72 15.60
N GLU A 160 -5.63 -35.52 15.94
CA GLU A 160 -5.03 -34.60 14.98
C GLU A 160 -3.79 -35.16 14.27
N GLY A 161 -3.81 -35.13 12.94
CA GLY A 161 -2.70 -35.63 12.14
C GLY A 161 -2.81 -37.11 11.83
N LYS A 162 -3.70 -37.79 12.55
CA LYS A 162 -3.89 -39.22 12.38
C LYS A 162 -4.70 -39.53 11.14
N ALA A 163 -5.35 -38.50 10.61
CA ALA A 163 -6.15 -38.68 9.40
C ALA A 163 -6.41 -37.38 8.67
N CYS A 164 -6.48 -37.46 7.35
CA CYS A 164 -6.78 -36.28 6.52
C CYS A 164 -7.43 -36.82 5.25
N LEU A 165 -8.19 -35.97 4.58
CA LEU A 165 -8.85 -36.37 3.34
C LEU A 165 -8.12 -35.69 2.19
N ARG A 166 -7.60 -36.50 1.27
CA ARG A 166 -6.86 -36.00 0.10
C ARG A 166 -7.56 -36.21 -1.22
N ALA A 167 -7.23 -35.35 -2.19
CA ALA A 167 -7.81 -35.47 -3.51
C ALA A 167 -7.02 -36.58 -4.19
N LYS A 168 -7.68 -37.40 -5.00
CA LYS A 168 -7.00 -38.49 -5.70
C LYS A 168 -6.84 -38.05 -7.15
N ILE A 169 -5.66 -37.54 -7.45
CA ILE A 169 -5.39 -37.03 -8.78
C ILE A 169 -4.24 -37.79 -9.41
N ASP A 170 -3.10 -37.12 -9.57
CA ASP A 170 -1.94 -37.80 -10.15
C ASP A 170 -0.70 -37.52 -9.33
N MET A 171 -0.08 -38.58 -8.82
CA MET A 171 1.12 -38.45 -8.02
C MET A 171 2.38 -38.28 -8.89
N ALA A 172 2.24 -38.45 -10.21
CA ALA A 172 3.39 -38.29 -11.09
C ALA A 172 3.33 -36.93 -11.77
N SER A 173 2.26 -36.19 -11.48
CA SER A 173 2.03 -34.86 -12.05
C SER A 173 3.22 -33.92 -12.10
N PRO A 174 3.34 -33.13 -13.19
CA PRO A 174 4.46 -32.19 -13.28
C PRO A 174 4.22 -30.99 -12.37
N PHE A 175 3.10 -31.01 -11.64
CA PHE A 175 2.72 -29.92 -10.73
C PHE A 175 2.49 -30.49 -9.32
N ILE A 176 3.43 -30.19 -8.43
CA ILE A 176 3.38 -30.67 -7.06
C ILE A 176 2.05 -30.49 -6.34
N VAL A 177 1.29 -29.47 -6.72
CA VAL A 177 -0.01 -29.25 -6.08
C VAL A 177 -1.04 -30.30 -6.53
N MET A 178 -0.79 -30.97 -7.65
CA MET A 178 -1.72 -31.98 -8.16
C MET A 178 -1.43 -33.36 -7.64
N ARG A 179 -0.40 -33.49 -6.82
CA ARG A 179 -0.07 -34.78 -6.27
C ARG A 179 -0.81 -34.98 -4.96
N ASP A 180 -2.07 -35.40 -5.11
CA ASP A 180 -2.98 -35.68 -4.03
C ASP A 180 -2.94 -34.65 -2.92
N PRO A 181 -3.36 -33.42 -3.23
CA PRO A 181 -3.36 -32.37 -2.22
C PRO A 181 -4.45 -32.63 -1.16
N VAL A 182 -4.11 -32.39 0.10
CA VAL A 182 -5.04 -32.57 1.22
C VAL A 182 -6.21 -31.61 1.04
N LEU A 183 -7.41 -32.10 1.30
CA LEU A 183 -8.58 -31.26 1.20
C LEU A 183 -9.04 -30.94 2.60
N TYR A 184 -8.85 -31.89 3.52
CA TYR A 184 -9.27 -31.65 4.90
C TYR A 184 -8.30 -32.12 5.97
N ARG A 185 -8.22 -31.37 7.06
CA ARG A 185 -7.35 -31.71 8.18
C ARG A 185 -8.15 -31.60 9.48
N ILE A 186 -7.63 -32.20 10.54
CA ILE A 186 -8.29 -32.17 11.83
C ILE A 186 -7.71 -31.11 12.76
N LYS A 187 -8.59 -30.40 13.46
CA LYS A 187 -8.17 -29.34 14.37
C LYS A 187 -9.18 -29.14 15.50
N PHE A 188 -8.87 -29.75 16.65
CA PHE A 188 -9.71 -29.66 17.82
C PHE A 188 -9.51 -28.30 18.46
N ALA A 189 -10.15 -27.27 17.92
CA ALA A 189 -10.01 -25.95 18.49
C ALA A 189 -11.11 -25.03 17.98
N GLU A 190 -11.95 -24.60 18.91
CA GLU A 190 -13.08 -23.71 18.63
C GLU A 190 -12.76 -22.60 17.64
N HIS A 191 -13.40 -22.66 16.47
CA HIS A 191 -13.20 -21.67 15.43
C HIS A 191 -13.32 -20.27 16.04
N HIS A 192 -14.48 -19.65 15.86
CA HIS A 192 -14.76 -18.32 16.40
C HIS A 192 -16.00 -17.78 15.69
N GLN A 193 -16.49 -18.53 14.73
CA GLN A 193 -17.69 -18.18 13.99
C GLN A 193 -18.63 -19.35 14.16
N THR A 194 -18.05 -20.49 14.56
CA THR A 194 -18.79 -21.72 14.77
C THR A 194 -18.21 -22.47 15.95
N GLY A 195 -17.19 -21.87 16.57
CA GLY A 195 -16.56 -22.48 17.72
C GLY A 195 -16.30 -23.97 17.62
N ASN A 196 -17.13 -24.75 18.32
CA ASN A 196 -16.99 -26.20 18.35
C ASN A 196 -17.87 -26.98 17.38
N LYS A 197 -18.48 -26.30 16.42
CA LYS A 197 -19.32 -26.99 15.45
C LYS A 197 -18.48 -27.91 14.61
N TRP A 198 -17.37 -27.40 14.07
CA TRP A 198 -16.50 -28.22 13.25
C TRP A 198 -15.25 -28.75 13.95
N CYS A 199 -14.76 -29.87 13.44
CA CYS A 199 -13.58 -30.53 13.98
C CYS A 199 -12.57 -30.71 12.83
N ILE A 200 -12.97 -30.38 11.61
CA ILE A 200 -12.11 -30.49 10.45
C ILE A 200 -12.23 -29.26 9.58
N TYR A 201 -11.18 -28.96 8.83
CA TYR A 201 -11.22 -27.78 7.98
C TYR A 201 -10.67 -27.98 6.58
N PRO A 202 -11.18 -27.18 5.65
CA PRO A 202 -10.76 -27.24 4.25
C PRO A 202 -9.43 -26.52 4.05
N MET A 203 -8.67 -26.94 3.04
CA MET A 203 -7.41 -26.28 2.73
C MET A 203 -7.74 -25.13 1.78
N TYR A 204 -6.90 -24.11 1.79
CA TYR A 204 -7.09 -22.92 0.96
C TYR A 204 -7.58 -23.18 -0.45
N ASP A 205 -6.74 -23.82 -1.26
CA ASP A 205 -7.07 -24.11 -2.64
C ASP A 205 -8.49 -24.62 -2.78
N PHE A 206 -8.79 -25.75 -2.14
CA PHE A 206 -10.13 -26.32 -2.18
C PHE A 206 -11.19 -25.26 -1.85
N THR A 207 -10.96 -24.50 -0.78
CA THR A 207 -11.89 -23.45 -0.35
C THR A 207 -12.01 -22.22 -1.28
N HIS A 208 -10.88 -21.77 -1.83
CA HIS A 208 -10.85 -20.60 -2.72
C HIS A 208 -11.69 -20.78 -3.98
N CYS A 209 -11.50 -21.91 -4.68
CA CYS A 209 -12.23 -22.18 -5.90
C CYS A 209 -13.73 -22.40 -5.70
N ILE A 210 -14.10 -23.06 -4.59
CA ILE A 210 -15.51 -23.32 -4.30
C ILE A 210 -16.23 -22.01 -4.02
N SER A 211 -15.61 -21.18 -3.19
CA SER A 211 -16.21 -19.90 -2.84
C SER A 211 -16.53 -19.07 -4.07
N ASP A 212 -15.57 -18.96 -4.98
CA ASP A 212 -15.79 -18.20 -6.22
C ASP A 212 -17.03 -18.70 -6.95
N ALA A 213 -17.09 -20.01 -7.19
CA ALA A 213 -18.23 -20.63 -7.88
C ALA A 213 -19.54 -20.18 -7.24
N LEU A 214 -19.66 -20.46 -5.94
CA LEU A 214 -20.84 -20.12 -5.16
C LEU A 214 -21.15 -18.65 -5.17
N GLU A 215 -20.13 -17.82 -5.35
CA GLU A 215 -20.34 -16.39 -5.37
C GLU A 215 -20.68 -15.88 -6.75
N GLY A 216 -20.68 -16.76 -7.74
CA GLY A 216 -21.01 -16.34 -9.09
C GLY A 216 -19.87 -15.55 -9.72
N ILE A 217 -18.64 -15.87 -9.34
CA ILE A 217 -17.48 -15.18 -9.90
C ILE A 217 -17.32 -15.56 -11.36
N THR A 218 -17.22 -14.57 -12.23
CA THR A 218 -17.05 -14.80 -13.67
C THR A 218 -15.58 -14.88 -14.06
N HIS A 219 -14.77 -14.02 -13.47
CA HIS A 219 -13.34 -13.97 -13.79
C HIS A 219 -12.54 -13.81 -12.49
N SER A 220 -11.77 -14.83 -12.12
CA SER A 220 -11.00 -14.78 -10.89
C SER A 220 -9.52 -14.47 -11.05
N LEU A 221 -9.15 -13.22 -10.81
CA LEU A 221 -7.78 -12.73 -10.94
C LEU A 221 -6.85 -12.90 -9.71
N CYS A 222 -5.70 -13.55 -9.91
CA CYS A 222 -4.71 -13.77 -8.86
C CYS A 222 -3.32 -13.42 -9.40
N THR A 223 -2.33 -13.21 -8.53
CA THR A 223 -0.98 -12.93 -9.03
C THR A 223 -0.39 -14.21 -9.63
N LEU A 224 0.65 -14.05 -10.43
CA LEU A 224 1.36 -15.13 -11.11
C LEU A 224 1.74 -16.34 -10.26
N GLU A 225 1.99 -16.12 -8.98
CA GLU A 225 2.39 -17.24 -8.13
C GLU A 225 1.30 -18.30 -7.96
N PHE A 226 0.07 -17.99 -8.37
CA PHE A 226 -1.03 -18.94 -8.23
C PHE A 226 -1.42 -19.66 -9.50
N GLN A 227 -0.62 -19.51 -10.55
CA GLN A 227 -0.90 -20.16 -11.83
C GLN A 227 -0.97 -21.70 -11.77
N ASP A 228 -0.21 -22.34 -10.88
CA ASP A 228 -0.24 -23.81 -10.77
C ASP A 228 -1.55 -24.22 -10.10
N ASN A 229 -1.88 -23.48 -9.04
CA ASN A 229 -3.09 -23.66 -8.25
C ASN A 229 -4.30 -23.70 -9.18
N ARG A 230 -4.22 -23.00 -10.31
CA ARG A 230 -5.29 -22.98 -11.30
C ARG A 230 -5.60 -24.42 -11.75
N ARG A 231 -4.59 -25.28 -11.79
CA ARG A 231 -4.84 -26.65 -12.23
C ARG A 231 -5.73 -27.45 -11.26
N LEU A 232 -5.53 -27.24 -9.95
CA LEU A 232 -6.31 -27.91 -8.92
C LEU A 232 -7.70 -27.28 -8.95
N TYR A 233 -7.67 -25.96 -9.04
CA TYR A 233 -8.85 -25.10 -9.10
C TYR A 233 -9.84 -25.64 -10.13
N ASP A 234 -9.38 -25.78 -11.38
CA ASP A 234 -10.21 -26.30 -12.46
C ASP A 234 -10.57 -27.77 -12.24
N TRP A 235 -9.64 -28.53 -11.67
CA TRP A 235 -9.85 -29.94 -11.42
C TRP A 235 -11.07 -30.16 -10.51
N VAL A 236 -11.09 -29.40 -9.41
CA VAL A 236 -12.15 -29.47 -8.41
C VAL A 236 -13.47 -29.02 -9.01
N LEU A 237 -13.43 -27.89 -9.73
CA LEU A 237 -14.63 -27.35 -10.34
C LEU A 237 -15.21 -28.28 -11.42
N ASP A 238 -14.34 -28.85 -12.25
CA ASP A 238 -14.80 -29.73 -13.31
C ASP A 238 -15.39 -31.02 -12.76
N ASN A 239 -15.09 -31.32 -11.51
CA ASN A 239 -15.52 -32.57 -10.90
C ASN A 239 -16.64 -32.56 -9.88
N ILE A 240 -17.07 -31.38 -9.45
CA ILE A 240 -18.17 -31.29 -8.52
C ILE A 240 -19.30 -30.73 -9.35
N THR A 241 -20.54 -30.91 -8.89
CA THR A 241 -21.69 -30.40 -9.59
C THR A 241 -21.95 -28.97 -9.16
N ILE A 242 -21.52 -28.02 -9.98
CA ILE A 242 -21.70 -26.61 -9.65
C ILE A 242 -22.22 -25.92 -10.91
N PRO A 243 -23.01 -24.86 -10.76
CA PRO A 243 -23.57 -24.13 -11.91
C PRO A 243 -22.52 -23.44 -12.79
N VAL A 244 -21.90 -22.39 -12.29
CA VAL A 244 -20.89 -21.68 -13.06
C VAL A 244 -19.46 -22.15 -12.72
N HIS A 245 -18.55 -22.00 -13.66
CA HIS A 245 -17.15 -22.37 -13.45
C HIS A 245 -16.26 -21.15 -13.74
N PRO A 246 -15.91 -20.41 -12.70
CA PRO A 246 -15.06 -19.22 -12.85
C PRO A 246 -13.65 -19.57 -13.31
N ARG A 247 -13.08 -18.74 -14.17
CA ARG A 247 -11.74 -18.99 -14.64
C ARG A 247 -10.75 -18.05 -13.95
N GLN A 248 -9.53 -18.55 -13.75
CA GLN A 248 -8.49 -17.79 -13.09
C GLN A 248 -7.53 -17.21 -14.12
N TYR A 249 -7.25 -15.92 -13.99
CA TYR A 249 -6.32 -15.28 -14.89
C TYR A 249 -5.34 -14.59 -13.97
N GLU A 250 -4.07 -14.68 -14.31
CA GLU A 250 -3.05 -14.10 -13.48
C GLU A 250 -2.50 -12.79 -14.01
N PHE A 251 -2.13 -11.93 -13.07
CA PHE A 251 -1.52 -10.66 -13.40
C PHE A 251 -0.22 -10.74 -12.63
N SER A 252 0.73 -9.87 -12.93
CA SER A 252 2.01 -9.90 -12.24
C SER A 252 2.08 -9.08 -10.95
N ARG A 253 2.86 -9.56 -9.99
CA ARG A 253 3.01 -8.86 -8.70
C ARG A 253 3.71 -7.53 -8.95
N LEU A 254 3.33 -6.51 -8.20
CA LEU A 254 3.97 -5.21 -8.36
C LEU A 254 5.38 -5.22 -7.81
N ASN A 255 6.34 -4.78 -8.62
CA ASN A 255 7.72 -4.72 -8.17
C ASN A 255 8.13 -3.25 -8.18
N LEU A 256 7.97 -2.63 -7.02
CA LEU A 256 8.28 -1.23 -6.79
C LEU A 256 9.70 -1.09 -6.26
N GLU A 257 10.53 -0.33 -6.96
CA GLU A 257 11.92 -0.12 -6.52
C GLU A 257 11.98 0.65 -5.21
N TYR A 258 13.04 0.43 -4.44
CA TYR A 258 13.24 1.09 -3.16
C TYR A 258 12.09 0.79 -2.19
N THR A 259 11.72 -0.49 -2.12
CA THR A 259 10.66 -0.96 -1.24
C THR A 259 10.57 -2.50 -1.29
N VAL A 260 10.26 -3.12 -0.15
CA VAL A 260 10.11 -4.57 -0.10
C VAL A 260 8.62 -4.89 -0.09
N MET A 261 8.23 -6.00 -0.73
CA MET A 261 6.83 -6.40 -0.81
C MET A 261 6.60 -7.73 -0.09
N SER A 262 7.13 -7.86 1.13
CA SER A 262 6.97 -9.10 1.89
C SER A 262 6.42 -8.88 3.29
N LYS A 263 6.13 -9.98 3.99
CA LYS A 263 5.60 -9.90 5.35
C LYS A 263 6.80 -9.93 6.28
N ARG A 264 7.68 -10.90 6.03
CA ARG A 264 8.90 -11.07 6.83
C ARG A 264 9.64 -9.74 6.87
N LYS A 265 9.95 -9.20 5.70
CA LYS A 265 10.65 -7.94 5.60
C LYS A 265 9.94 -6.89 6.45
N LEU A 266 8.75 -6.47 5.99
CA LEU A 266 7.97 -5.46 6.70
C LEU A 266 7.88 -5.72 8.20
N ASN A 267 7.24 -6.81 8.58
CA ASN A 267 7.06 -7.16 9.99
C ASN A 267 8.29 -6.82 10.83
N LEU A 268 9.47 -7.04 10.27
CA LEU A 268 10.70 -6.74 11.00
C LEU A 268 10.64 -5.25 11.28
N LEU A 269 10.81 -4.45 10.22
CA LEU A 269 10.78 -2.99 10.29
C LEU A 269 9.88 -2.51 11.43
N VAL A 270 8.56 -2.71 11.27
CA VAL A 270 7.60 -2.31 12.28
C VAL A 270 8.10 -2.71 13.66
N THR A 271 8.50 -3.97 13.83
CA THR A 271 8.99 -4.43 15.12
C THR A 271 10.50 -4.19 15.23
N ASP A 272 10.87 -2.92 15.35
CA ASP A 272 12.28 -2.55 15.48
C ASP A 272 12.41 -1.03 15.59
N LYS A 273 11.28 -0.34 15.46
CA LYS A 273 11.22 1.11 15.53
C LYS A 273 11.91 1.77 14.33
N HIS A 274 12.11 0.99 13.27
CA HIS A 274 12.74 1.49 12.05
C HIS A 274 11.68 2.28 11.31
N VAL A 275 10.48 2.28 11.89
CA VAL A 275 9.31 2.98 11.37
C VAL A 275 8.33 3.18 12.53
N GLU A 276 7.52 4.23 12.46
CA GLU A 276 6.57 4.47 13.54
C GLU A 276 5.32 3.62 13.31
N GLY A 277 5.56 2.32 13.19
CA GLY A 277 4.48 1.38 12.98
C GLY A 277 4.18 1.14 11.50
N TRP A 278 2.96 0.69 11.24
CA TRP A 278 2.51 0.39 9.89
C TRP A 278 2.10 1.60 9.03
N ASP A 279 1.44 2.58 9.63
CA ASP A 279 1.01 3.75 8.88
C ASP A 279 2.14 4.76 8.68
N ASP A 280 3.33 4.42 9.14
CA ASP A 280 4.50 5.29 8.99
C ASP A 280 4.57 5.81 7.55
N PRO A 281 5.01 7.08 7.37
CA PRO A 281 5.11 7.68 6.04
C PRO A 281 6.16 7.04 5.13
N ARG A 282 7.08 6.28 5.71
CA ARG A 282 8.13 5.60 4.96
C ARG A 282 7.68 4.22 4.48
N MET A 283 6.61 3.70 5.09
CA MET A 283 6.08 2.40 4.72
C MET A 283 5.37 2.38 3.38
N PRO A 284 5.30 1.20 2.74
CA PRO A 284 4.63 1.07 1.45
C PRO A 284 3.16 0.68 1.64
N THR A 285 2.65 0.78 2.86
CA THR A 285 1.26 0.45 3.15
C THR A 285 0.35 1.59 2.74
N ILE A 286 -0.87 1.27 2.35
CA ILE A 286 -1.82 2.31 1.95
C ILE A 286 -2.00 3.33 3.08
N SER A 287 -2.22 2.84 4.30
CA SER A 287 -2.39 3.73 5.46
C SER A 287 -1.15 4.62 5.61
N GLY A 288 0.01 4.05 5.35
CA GLY A 288 1.25 4.80 5.45
C GLY A 288 1.42 5.83 4.35
N LEU A 289 0.95 5.53 3.15
CA LEU A 289 1.08 6.48 2.05
C LEU A 289 0.14 7.67 2.26
N ARG A 290 -0.95 7.42 2.96
CA ARG A 290 -1.95 8.45 3.25
C ARG A 290 -1.41 9.45 4.25
N ARG A 291 -0.78 8.95 5.30
CA ARG A 291 -0.19 9.81 6.33
C ARG A 291 0.98 10.58 5.73
N ARG A 292 1.47 10.09 4.60
CA ARG A 292 2.58 10.68 3.85
C ARG A 292 2.07 11.89 3.05
N GLY A 293 0.79 11.87 2.67
CA GLY A 293 0.22 12.96 1.91
C GLY A 293 -0.36 12.49 0.59
N TYR A 294 -0.02 11.27 0.20
CA TYR A 294 -0.53 10.68 -1.03
C TYR A 294 -2.04 10.68 -1.07
N THR A 295 -2.58 10.95 -2.24
CA THR A 295 -4.03 11.02 -2.44
C THR A 295 -4.57 9.76 -3.10
N ALA A 296 -5.87 9.53 -2.91
CA ALA A 296 -6.53 8.38 -3.47
C ALA A 296 -6.46 8.47 -5.00
N ALA A 297 -6.76 9.65 -5.54
CA ALA A 297 -6.71 9.87 -6.99
C ALA A 297 -5.31 9.57 -7.49
N SER A 298 -4.31 9.94 -6.67
CA SER A 298 -2.91 9.71 -7.04
C SER A 298 -2.56 8.22 -7.16
N ILE A 299 -2.97 7.39 -6.20
CA ILE A 299 -2.65 5.97 -6.30
C ILE A 299 -3.37 5.33 -7.47
N ARG A 300 -4.62 5.72 -7.70
CA ARG A 300 -5.41 5.17 -8.80
C ARG A 300 -4.73 5.47 -10.12
N GLU A 301 -4.40 6.73 -10.34
CA GLU A 301 -3.73 7.14 -11.58
C GLU A 301 -2.45 6.33 -11.74
N PHE A 302 -1.83 5.97 -10.61
CA PHE A 302 -0.61 5.16 -10.59
C PHE A 302 -0.94 3.78 -11.16
N CYS A 303 -1.96 3.16 -10.57
CA CYS A 303 -2.42 1.85 -11.01
C CYS A 303 -2.50 1.74 -12.54
N LYS A 304 -2.72 2.87 -13.19
CA LYS A 304 -2.83 2.96 -14.65
C LYS A 304 -1.50 2.82 -15.39
N ARG A 305 -0.41 3.23 -14.77
CA ARG A 305 0.89 3.15 -15.43
C ARG A 305 1.61 1.83 -15.20
N ILE A 306 1.29 1.19 -14.10
CA ILE A 306 1.93 -0.07 -13.72
C ILE A 306 1.38 -1.34 -14.37
N GLY A 307 0.33 -1.22 -15.17
CA GLY A 307 -0.22 -2.42 -15.79
C GLY A 307 -1.02 -2.23 -17.06
N VAL A 308 -1.35 -0.99 -17.39
CA VAL A 308 -2.10 -0.74 -18.61
C VAL A 308 -1.16 -0.93 -19.79
N LYS A 310 5.79 -8.00 -19.91
CA LYS A 310 5.49 -6.98 -20.91
C LYS A 310 6.67 -6.03 -21.06
N GLN A 311 7.69 -6.23 -20.23
CA GLN A 311 8.89 -5.40 -20.25
C GLN A 311 9.75 -5.76 -19.04
N ASP A 312 10.75 -4.92 -18.76
CA ASP A 312 11.60 -5.09 -17.60
C ASP A 312 10.73 -4.42 -16.55
N ASN A 313 9.56 -5.01 -16.35
CA ASN A 313 8.54 -4.49 -15.43
C ASN A 313 8.92 -4.36 -13.97
N THR A 314 9.87 -3.47 -13.70
CA THR A 314 10.29 -3.21 -12.32
C THR A 314 10.16 -1.70 -12.10
N ILE A 315 8.95 -1.31 -11.70
CA ILE A 315 8.57 0.06 -11.42
C ILE A 315 9.56 0.84 -10.54
N GLU A 316 9.93 2.04 -10.97
CA GLU A 316 10.83 2.89 -10.19
C GLU A 316 9.97 3.82 -9.35
N MET A 317 10.50 4.27 -8.22
CA MET A 317 9.72 5.17 -7.36
C MET A 317 9.29 6.46 -8.05
N ALA A 318 10.09 6.92 -9.01
CA ALA A 318 9.75 8.14 -9.73
C ALA A 318 8.34 8.10 -10.31
N SER A 319 7.88 6.91 -10.69
CA SER A 319 6.54 6.73 -11.24
C SER A 319 5.46 7.05 -10.20
N LEU A 320 5.61 6.52 -9.00
CA LEU A 320 4.66 6.76 -7.91
C LEU A 320 4.81 8.22 -7.48
N GLU A 321 6.06 8.65 -7.36
CA GLU A 321 6.40 10.02 -6.97
C GLU A 321 5.76 11.01 -7.93
N SER A 322 5.93 10.74 -9.22
CA SER A 322 5.39 11.58 -10.30
C SER A 322 3.88 11.79 -10.19
N CYS A 323 3.14 10.71 -9.97
CA CYS A 323 1.68 10.81 -9.86
C CYS A 323 1.24 11.76 -8.74
N ILE A 324 1.91 11.68 -7.59
CA ILE A 324 1.54 12.56 -6.48
C ILE A 324 2.02 14.00 -6.67
N ARG A 325 3.27 14.16 -7.08
CA ARG A 325 3.80 15.50 -7.30
C ARG A 325 2.85 16.21 -8.25
N GLU A 326 2.61 15.55 -9.39
CA GLU A 326 1.73 16.03 -10.44
C GLU A 326 0.33 16.31 -9.90
N ASP A 327 -0.16 15.49 -8.97
CA ASP A 327 -1.50 15.71 -8.44
C ASP A 327 -1.56 16.89 -7.48
N LEU A 328 -0.60 16.96 -6.55
CA LEU A 328 -0.56 18.06 -5.59
C LEU A 328 -0.11 19.36 -6.25
N ASN A 329 0.44 19.25 -7.46
CA ASN A 329 0.92 20.39 -8.21
C ASN A 329 -0.23 21.25 -8.73
N GLU A 330 -1.39 20.62 -8.90
CA GLU A 330 -2.58 21.27 -9.41
C GLU A 330 -3.63 21.61 -8.36
N ASN A 331 -3.56 20.97 -7.20
CA ASN A 331 -4.57 21.19 -6.17
C ASN A 331 -4.10 21.67 -4.80
N ALA A 332 -2.79 21.65 -4.55
CA ALA A 332 -2.30 22.08 -3.25
C ALA A 332 -2.00 23.56 -3.19
N PRO A 333 -2.78 24.30 -2.38
CA PRO A 333 -2.56 25.75 -2.23
C PRO A 333 -1.09 25.99 -1.89
N ARG A 334 -0.59 27.18 -2.22
CA ARG A 334 0.81 27.51 -1.94
C ARG A 334 0.98 28.15 -0.55
N ALA A 335 2.21 28.12 -0.03
CA ALA A 335 2.51 28.70 1.28
C ALA A 335 4.02 28.67 1.50
N MET A 336 4.50 29.42 2.49
CA MET A 336 5.94 29.45 2.75
C MET A 336 6.34 28.92 4.13
N ALA A 337 7.60 28.49 4.22
CA ALA A 337 8.13 27.96 5.45
C ALA A 337 9.64 27.83 5.37
N VAL A 338 10.32 28.13 6.47
CA VAL A 338 11.77 28.01 6.47
C VAL A 338 12.13 26.79 7.29
N ILE A 339 13.03 25.98 6.73
CA ILE A 339 13.47 24.73 7.35
C ILE A 339 14.80 24.84 8.07
N ASP A 340 15.70 25.65 7.52
CA ASP A 340 17.03 25.89 8.12
C ASP A 340 17.06 27.38 8.46
N PRO A 341 16.18 27.82 9.38
CA PRO A 341 16.07 29.22 9.81
C PRO A 341 17.34 29.92 10.26
N VAL A 342 17.63 31.03 9.58
CA VAL A 342 18.77 31.88 9.88
C VAL A 342 18.14 33.27 10.00
N LYS A 343 18.60 34.04 10.98
CA LYS A 343 18.04 35.37 11.27
C LYS A 343 18.43 36.53 10.35
N LEU A 344 17.48 36.97 9.52
CA LEU A 344 17.72 38.09 8.62
C LEU A 344 17.01 39.33 9.15
N VAL A 345 17.76 40.43 9.24
CA VAL A 345 17.23 41.69 9.74
C VAL A 345 17.61 42.89 8.88
N ILE A 346 16.60 43.65 8.48
CA ILE A 346 16.80 44.85 7.68
C ILE A 346 16.95 46.03 8.64
N GLU A 347 18.08 46.73 8.57
CA GLU A 347 18.32 47.87 9.45
C GLU A 347 17.50 49.08 9.02
N ASN A 348 17.33 49.28 7.71
CA ASN A 348 16.59 50.44 7.21
C ASN A 348 15.11 50.18 7.02
N TYR A 349 14.59 49.16 7.68
CA TYR A 349 13.17 48.88 7.55
C TYR A 349 12.40 49.81 8.48
N GLN A 350 11.69 50.75 7.88
CA GLN A 350 10.91 51.73 8.62
C GLN A 350 9.57 51.17 9.08
N GLY A 351 9.11 51.63 10.23
CA GLY A 351 7.84 51.18 10.76
C GLY A 351 7.89 49.76 11.30
N GLU A 352 6.75 49.31 11.81
CA GLU A 352 6.62 47.98 12.38
C GLU A 352 6.31 46.89 11.35
N GLY A 353 5.09 46.87 10.80
CA GLY A 353 4.77 45.84 9.82
C GLY A 353 3.60 46.11 8.90
N GLU A 354 3.38 45.20 7.96
CA GLU A 354 2.28 45.31 7.00
C GLU A 354 1.83 43.91 6.58
N MET A 355 1.03 43.82 5.53
CA MET A 355 0.54 42.55 4.98
C MET A 355 0.54 42.59 3.46
N VAL A 356 1.22 41.64 2.82
CA VAL A 356 1.28 41.62 1.36
C VAL A 356 0.25 40.65 0.78
N THR A 357 0.05 40.73 -0.53
CA THR A 357 -0.90 39.85 -1.19
C THR A 357 -0.18 38.63 -1.78
N MET A 358 -0.59 37.44 -1.33
CA MET A 358 0.00 36.18 -1.79
C MET A 358 -1.06 35.25 -2.36
N PRO A 359 -0.84 34.77 -3.59
CA PRO A 359 -1.80 33.86 -4.23
C PRO A 359 -2.09 32.57 -3.46
N ASN A 360 -3.06 31.81 -3.93
CA ASN A 360 -3.42 30.55 -3.32
C ASN A 360 -2.91 29.50 -4.31
N HIS A 361 -2.55 30.00 -5.49
CA HIS A 361 -2.02 29.17 -6.58
C HIS A 361 -1.71 30.15 -7.71
N PRO A 362 -0.52 30.04 -8.31
CA PRO A 362 -0.09 30.91 -9.41
C PRO A 362 -0.91 30.78 -10.70
N ASN A 363 -1.48 29.59 -10.92
CA ASN A 363 -2.27 29.33 -12.13
C ASN A 363 -3.75 29.11 -11.84
N PRO A 365 -5.88 33.59 -10.37
CA PRO A 365 -6.00 32.50 -9.40
C PRO A 365 -7.42 32.41 -8.83
N GLU A 366 -8.24 31.56 -9.41
CA GLU A 366 -9.61 31.40 -8.93
C GLU A 366 -9.58 30.99 -7.45
N MET A 367 -8.39 30.65 -6.97
CA MET A 367 -8.21 30.25 -5.57
C MET A 367 -8.02 31.45 -4.63
N GLY A 368 -8.14 32.66 -5.18
CA GLY A 368 -8.04 33.86 -4.36
C GLY A 368 -6.68 34.32 -3.86
N SER A 369 -6.56 34.45 -2.54
CA SER A 369 -5.31 34.90 -1.93
C SER A 369 -5.33 34.79 -0.41
N ARG A 370 -4.49 35.60 0.21
CA ARG A 370 -4.39 35.66 1.66
C ARG A 370 -3.30 36.67 2.01
N GLN A 371 -3.47 37.33 3.15
CA GLN A 371 -2.54 38.35 3.62
C GLN A 371 -1.44 37.74 4.48
N VAL A 372 -0.19 37.91 4.06
CA VAL A 372 0.93 37.39 4.82
C VAL A 372 1.73 38.55 5.38
N PRO A 373 1.99 38.54 6.70
CA PRO A 373 2.73 39.59 7.40
C PRO A 373 4.15 39.77 6.91
N PHE A 374 4.60 41.02 6.89
CA PHE A 374 5.97 41.36 6.48
C PHE A 374 6.55 42.44 7.42
N SER A 375 7.50 42.02 8.24
CA SER A 375 8.18 42.89 9.18
C SER A 375 9.64 43.07 8.77
N GLY A 376 10.40 43.77 9.59
CA GLY A 376 11.81 44.02 9.31
C GLY A 376 12.70 42.98 9.94
N GLU A 377 12.08 42.00 10.59
CA GLU A 377 12.80 40.88 11.21
C GLU A 377 12.20 39.64 10.57
N ILE A 378 12.93 39.04 9.62
CA ILE A 378 12.42 37.86 8.91
C ILE A 378 13.29 36.62 9.03
N TRP A 379 12.66 35.47 8.82
CA TRP A 379 13.33 34.17 8.88
C TRP A 379 13.52 33.61 7.46
N ILE A 380 14.75 33.25 7.11
CA ILE A 380 15.02 32.63 5.80
C ILE A 380 15.80 31.34 6.00
N ASP A 381 15.92 30.55 4.94
CA ASP A 381 16.66 29.32 5.00
C ASP A 381 18.11 29.73 4.85
N ARG A 382 19.00 29.13 5.65
CA ARG A 382 20.41 29.48 5.57
C ARG A 382 21.07 28.88 4.35
N ALA A 383 20.29 28.10 3.63
CA ALA A 383 20.78 27.47 2.42
C ALA A 383 20.77 28.60 1.41
N ASP A 384 19.91 29.58 1.65
CA ASP A 384 19.75 30.70 0.72
C ASP A 384 20.69 31.91 0.89
N PHE A 385 21.70 31.78 1.75
CA PHE A 385 22.66 32.87 1.88
C PHE A 385 24.06 32.37 1.62
N ARG A 386 24.93 33.25 1.14
CA ARG A 386 26.30 32.87 0.84
C ARG A 386 27.17 34.14 0.72
N GLU A 387 28.22 34.18 1.53
CA GLU A 387 29.14 35.32 1.50
C GLU A 387 29.79 35.44 0.13
N GLU A 388 29.95 34.30 -0.53
CA GLU A 388 30.55 34.23 -1.85
C GLU A 388 30.15 32.96 -2.61
N ALA A 389 29.92 33.12 -3.90
CA ALA A 389 29.54 32.02 -4.78
C ALA A 389 29.75 32.48 -6.20
N ASN A 390 29.89 31.53 -7.12
CA ASN A 390 30.12 31.85 -8.52
C ASN A 390 28.90 32.50 -9.18
N LYS A 391 28.85 32.46 -10.51
CA LYS A 391 27.72 33.05 -11.23
C LYS A 391 26.48 32.21 -11.09
N GLN A 392 26.68 30.89 -11.07
CA GLN A 392 25.55 29.98 -10.96
C GLN A 392 24.61 30.30 -9.80
N TYR A 393 25.14 30.46 -8.58
CA TYR A 393 24.33 30.77 -7.41
C TYR A 393 23.24 31.74 -7.77
N LYS A 394 22.01 31.30 -7.54
CA LYS A 394 20.82 32.06 -7.89
C LYS A 394 20.17 32.76 -6.71
N ARG A 395 20.95 33.06 -5.68
CA ARG A 395 20.40 33.70 -4.49
C ARG A 395 21.07 34.93 -3.89
N LEU A 396 20.89 35.09 -2.58
CA LEU A 396 21.41 36.24 -1.86
C LEU A 396 22.91 36.20 -1.58
N VAL A 397 23.68 36.95 -2.39
CA VAL A 397 25.14 37.00 -2.23
C VAL A 397 25.44 37.97 -1.07
N LEU A 398 26.72 38.29 -0.85
CA LEU A 398 27.11 39.19 0.23
C LEU A 398 27.05 40.67 -0.14
N GLY A 399 27.24 40.98 -1.41
CA GLY A 399 27.19 42.36 -1.84
C GLY A 399 26.06 42.54 -2.83
N LYS A 400 25.24 41.50 -2.94
CA LYS A 400 24.11 41.51 -3.86
C LYS A 400 22.78 41.32 -3.15
N GLU A 401 21.81 40.80 -3.89
CA GLU A 401 20.48 40.59 -3.34
C GLU A 401 19.63 39.68 -4.21
N VAL A 402 18.37 39.56 -3.81
CA VAL A 402 17.38 38.76 -4.52
C VAL A 402 16.00 39.32 -4.18
N ARG A 403 14.96 38.76 -4.77
CA ARG A 403 13.60 39.23 -4.51
C ARG A 403 12.76 38.30 -3.64
N LEU A 404 12.36 38.80 -2.48
CA LEU A 404 11.52 38.04 -1.55
C LEU A 404 10.15 37.85 -2.18
N ARG A 405 9.78 36.59 -2.40
CA ARG A 405 8.49 36.26 -3.00
C ARG A 405 7.35 37.14 -2.50
N ASN A 406 6.66 37.77 -3.45
CA ASN A 406 5.54 38.68 -3.19
C ASN A 406 5.89 39.80 -2.20
N ALA A 407 7.18 39.98 -1.96
CA ALA A 407 7.64 41.01 -1.04
C ALA A 407 8.50 42.04 -1.79
N TYR A 408 9.55 42.51 -1.12
CA TYR A 408 10.45 43.51 -1.71
C TYR A 408 11.83 42.93 -1.97
N VAL A 409 12.71 43.73 -2.57
CA VAL A 409 14.08 43.30 -2.86
C VAL A 409 14.97 43.59 -1.65
N ILE A 410 15.94 42.71 -1.40
CA ILE A 410 16.84 42.88 -0.25
C ILE A 410 18.20 43.41 -0.73
N LYS A 411 19.23 43.22 0.12
CA LYS A 411 20.59 43.67 -0.20
C LYS A 411 21.52 43.31 0.97
N ALA A 412 22.23 42.19 0.84
CA ALA A 412 23.15 41.72 1.86
C ALA A 412 24.20 42.75 2.28
N GLU A 413 24.23 43.08 3.57
CA GLU A 413 25.17 44.08 4.10
C GLU A 413 26.17 43.53 5.13
N ARG A 414 25.70 43.39 6.37
CA ARG A 414 26.51 42.92 7.49
C ARG A 414 26.09 41.50 7.87
N VAL A 415 27.00 40.74 8.47
CA VAL A 415 26.70 39.36 8.88
C VAL A 415 27.49 38.95 10.13
N GLU A 416 26.78 38.61 11.20
CA GLU A 416 27.43 38.22 12.44
C GLU A 416 27.53 36.71 12.64
N LYS A 417 28.61 36.26 13.26
CA LYS A 417 28.86 34.84 13.51
C LYS A 417 28.73 34.49 14.99
N ASP A 418 29.56 33.55 15.43
CA ASP A 418 29.56 33.12 16.82
C ASP A 418 30.91 32.48 17.14
N ALA A 419 31.04 31.96 18.35
CA ALA A 419 32.29 31.34 18.79
C ALA A 419 32.59 30.06 18.00
N GLU A 420 31.53 29.44 17.48
CA GLU A 420 31.69 28.21 16.72
C GLU A 420 31.98 28.49 15.25
N GLY A 421 31.36 29.54 14.71
CA GLY A 421 31.57 29.91 13.32
C GLY A 421 30.29 30.10 12.53
N ASN A 422 29.31 29.25 12.81
CA ASN A 422 28.02 29.31 12.14
C ASN A 422 27.38 30.68 12.38
N ILE A 423 26.91 31.31 11.32
CA ILE A 423 26.29 32.63 11.40
C ILE A 423 25.17 32.65 12.46
N THR A 424 24.97 33.82 13.07
CA THR A 424 23.93 33.97 14.08
C THR A 424 22.90 35.04 13.76
N THR A 425 23.08 35.76 12.66
CA THR A 425 22.12 36.80 12.25
C THR A 425 22.59 37.67 11.08
N ILE A 426 22.04 37.41 9.90
CA ILE A 426 22.40 38.17 8.71
C ILE A 426 21.87 39.59 8.82
N PHE A 427 22.53 40.52 8.15
CA PHE A 427 22.12 41.92 8.12
C PHE A 427 22.04 42.36 6.67
N CYS A 428 21.13 43.30 6.39
CA CYS A 428 20.93 43.79 5.04
C CYS A 428 19.81 44.85 4.97
N THR A 429 19.75 45.57 3.86
CA THR A 429 18.74 46.60 3.67
C THR A 429 17.72 46.14 2.63
N TYR A 430 16.83 47.03 2.25
CA TYR A 430 15.79 46.72 1.27
C TYR A 430 15.43 47.97 0.48
N ASP A 431 14.49 47.83 -0.44
CA ASP A 431 14.06 48.96 -1.25
C ASP A 431 12.83 49.64 -0.68
N ALA A 432 12.63 50.91 -1.07
CA ALA A 432 11.49 51.67 -0.61
C ALA A 432 10.24 50.90 -0.97
N ASP A 433 10.26 50.32 -2.17
CA ASP A 433 9.13 49.53 -2.63
C ASP A 433 9.39 48.92 -4.00
N THR A 434 9.09 47.63 -4.12
CA THR A 434 9.28 46.92 -5.38
C THR A 434 8.02 46.12 -5.68
N LEU A 435 7.11 46.12 -4.72
CA LEU A 435 5.84 45.41 -4.82
C LEU A 435 5.24 45.45 -6.22
N VAL A 448 14.89 35.34 -6.28
CA VAL A 448 13.62 35.08 -5.60
C VAL A 448 13.77 33.91 -4.61
N ILE A 449 13.42 34.15 -3.35
CA ILE A 449 13.52 33.09 -2.34
C ILE A 449 12.34 33.18 -1.35
N HIS A 450 12.05 32.08 -0.67
CA HIS A 450 10.96 32.05 0.32
C HIS A 450 11.43 32.69 1.62
N TRP A 451 10.48 33.18 2.40
CA TRP A 451 10.81 33.87 3.65
C TRP A 451 9.59 33.89 4.56
N VAL A 452 9.80 34.29 5.81
CA VAL A 452 8.70 34.38 6.78
C VAL A 452 8.99 35.35 7.93
N SER A 453 8.00 36.19 8.24
CA SER A 453 8.10 37.19 9.32
C SER A 453 8.40 36.50 10.65
N ALA A 454 9.43 37.00 11.35
CA ALA A 454 9.85 36.44 12.62
C ALA A 454 8.81 36.61 13.74
N ALA A 455 8.27 37.81 13.86
CA ALA A 455 7.26 38.08 14.89
C ALA A 455 6.04 37.23 14.60
N HIS A 456 5.55 37.31 13.37
CA HIS A 456 4.38 36.55 12.98
C HIS A 456 4.86 35.25 12.35
N ALA A 457 5.11 34.25 13.19
CA ALA A 457 5.59 32.96 12.69
C ALA A 457 5.16 31.81 13.57
N LEU A 458 4.98 30.65 12.94
CA LEU A 458 4.59 29.43 13.62
C LEU A 458 5.79 28.52 13.84
N PRO A 459 6.10 28.20 15.10
CA PRO A 459 7.23 27.31 15.35
C PRO A 459 6.77 25.92 14.89
N VAL A 460 7.15 25.53 13.68
CA VAL A 460 6.74 24.25 13.13
C VAL A 460 7.81 23.16 13.07
N GLU A 461 7.35 21.91 13.18
CA GLU A 461 8.22 20.74 13.12
C GLU A 461 8.18 20.26 11.66
N ILE A 462 9.34 19.92 11.11
CA ILE A 462 9.41 19.44 9.72
C ILE A 462 10.13 18.08 9.63
N ARG A 463 9.42 17.08 9.13
CA ARG A 463 9.97 15.73 9.00
C ARG A 463 10.22 15.38 7.53
N LEU A 464 11.49 15.39 7.15
CA LEU A 464 11.85 15.10 5.77
C LEU A 464 12.18 13.62 5.62
N TYR A 465 11.32 12.95 4.87
CA TYR A 465 11.44 11.54 4.61
C TYR A 465 12.32 11.26 3.40
N ASP A 466 12.14 10.10 2.78
CA ASP A 466 12.95 9.73 1.62
C ASP A 466 12.78 8.23 1.40
N ARG A 467 13.44 7.69 0.37
CA ARG A 467 13.36 6.27 0.09
C ARG A 467 13.79 5.47 1.29
N LEU A 468 13.09 4.37 1.55
CA LEU A 468 13.36 3.52 2.69
C LEU A 468 14.68 2.75 2.65
N PHE A 469 15.18 2.48 1.45
CA PHE A 469 16.41 1.70 1.33
C PHE A 469 17.42 2.33 0.39
N SER A 470 18.70 1.96 0.58
CA SER A 470 19.77 2.50 -0.23
C SER A 470 19.99 1.75 -1.55
N VAL A 471 19.30 0.64 -1.72
CA VAL A 471 19.42 -0.17 -2.93
C VAL A 471 18.14 -0.14 -3.76
N PRO A 472 18.26 -0.21 -5.09
CA PRO A 472 17.07 -0.20 -5.95
C PRO A 472 16.16 -1.37 -5.62
N ASN A 473 16.74 -2.54 -5.36
CA ASN A 473 15.95 -3.71 -5.04
C ASN A 473 16.28 -4.38 -3.71
N PRO A 474 15.75 -3.83 -2.62
CA PRO A 474 15.95 -4.31 -1.25
C PRO A 474 15.46 -5.74 -1.08
N GLY A 475 14.54 -6.14 -1.95
CA GLY A 475 13.99 -7.48 -1.90
C GLY A 475 15.00 -8.53 -2.31
N ALA A 476 15.36 -8.51 -3.59
CA ALA A 476 16.33 -9.45 -4.11
C ALA A 476 17.67 -9.22 -3.42
N ALA A 477 17.67 -8.29 -2.46
CA ALA A 477 18.87 -7.98 -1.70
C ALA A 477 19.13 -9.05 -0.67
N ASP A 478 20.31 -9.03 -0.05
CA ASP A 478 20.68 -10.03 0.95
C ASP A 478 19.76 -10.12 2.16
N ASP A 479 19.66 -9.03 2.94
CA ASP A 479 18.82 -9.01 4.13
C ASP A 479 18.08 -7.67 4.31
N PHE A 480 16.78 -7.76 4.58
CA PHE A 480 15.92 -6.59 4.77
C PHE A 480 16.38 -5.80 5.99
N LEU A 481 17.65 -5.43 6.03
CA LEU A 481 18.14 -4.67 7.18
C LEU A 481 19.42 -3.88 6.86
N SER A 482 20.54 -4.57 6.83
CA SER A 482 21.83 -3.93 6.55
C SER A 482 21.86 -3.05 5.30
N VAL A 483 20.69 -2.78 4.73
CA VAL A 483 20.60 -1.95 3.53
C VAL A 483 19.50 -0.87 3.60
N ILE A 484 19.01 -0.61 4.81
CA ILE A 484 17.98 0.41 5.03
C ILE A 484 18.65 1.78 4.97
N ASN A 485 17.91 2.80 4.54
CA ASN A 485 18.45 4.15 4.49
C ASN A 485 18.51 4.64 5.93
N PRO A 486 19.73 4.79 6.49
CA PRO A 486 19.93 5.25 7.87
C PRO A 486 19.17 6.52 8.21
N GLU A 487 19.18 7.46 7.27
CA GLU A 487 18.49 8.73 7.42
C GLU A 487 17.23 8.76 6.54
N SER A 488 16.31 7.83 6.77
CA SER A 488 15.07 7.80 6.00
C SER A 488 14.16 8.90 6.54
N LEU A 489 14.57 9.47 7.67
CA LEU A 489 13.82 10.55 8.31
C LEU A 489 14.73 11.46 9.13
N VAL A 490 14.56 12.77 8.96
CA VAL A 490 15.33 13.75 9.70
C VAL A 490 14.38 14.87 10.14
N ILE A 491 14.13 14.93 11.44
CA ILE A 491 13.20 15.90 12.02
C ILE A 491 13.88 17.23 12.30
N LYS A 492 13.32 18.32 11.75
CA LYS A 492 13.88 19.64 11.96
C LYS A 492 12.81 20.68 12.31
N GLN A 493 13.13 21.55 13.26
CA GLN A 493 12.22 22.62 13.70
C GLN A 493 12.39 23.81 12.77
N GLY A 494 11.30 24.23 12.12
CA GLY A 494 11.39 25.36 11.22
C GLY A 494 10.30 26.37 11.52
N PHE A 495 10.38 27.52 10.86
CA PHE A 495 9.36 28.55 11.06
C PHE A 495 8.48 28.68 9.84
N ALA A 496 7.18 28.76 10.09
CA ALA A 496 6.23 28.87 8.99
C ALA A 496 5.30 30.05 9.19
N GLU A 497 4.54 30.38 8.15
CA GLU A 497 3.64 31.51 8.24
C GLU A 497 2.40 31.13 9.04
N PRO A 498 1.77 32.12 9.68
CA PRO A 498 0.57 31.89 10.49
C PRO A 498 -0.53 31.17 9.73
N SER A 499 -0.63 31.46 8.44
CA SER A 499 -1.64 30.86 7.58
C SER A 499 -1.74 29.35 7.78
N LEU A 500 -0.59 28.74 8.07
CA LEU A 500 -0.51 27.30 8.28
C LEU A 500 -1.04 26.88 9.64
N LYS A 501 -2.06 27.58 10.10
CA LYS A 501 -2.65 27.28 11.40
C LYS A 501 -4.03 26.67 11.20
N ASP A 502 -4.67 27.06 10.09
CA ASP A 502 -5.99 26.54 9.76
C ASP A 502 -5.87 25.21 9.02
N ALA A 503 -4.77 25.04 8.29
CA ALA A 503 -4.49 23.82 7.53
C ALA A 503 -5.14 22.59 8.14
N VAL A 504 -6.10 22.00 7.43
CA VAL A 504 -6.78 20.82 7.93
C VAL A 504 -5.89 19.59 7.77
N ALA A 505 -6.23 18.52 8.48
CA ALA A 505 -5.47 17.29 8.43
C ALA A 505 -5.60 16.55 7.10
N GLY A 506 -4.49 16.02 6.61
CA GLY A 506 -4.50 15.29 5.36
C GLY A 506 -4.36 16.17 4.13
N LYS A 507 -4.69 17.44 4.25
CA LYS A 507 -4.61 18.34 3.11
C LYS A 507 -3.16 18.79 2.92
N ALA A 508 -2.76 18.92 1.66
CA ALA A 508 -1.41 19.34 1.37
C ALA A 508 -1.32 20.77 0.85
N PHE A 509 -0.10 21.28 0.87
CA PHE A 509 0.19 22.61 0.40
C PHE A 509 1.55 22.51 -0.24
N GLN A 510 1.86 23.43 -1.13
CA GLN A 510 3.18 23.45 -1.72
C GLN A 510 3.87 24.55 -0.94
N PHE A 511 4.97 24.20 -0.28
CA PHE A 511 5.74 25.18 0.47
C PHE A 511 6.76 25.71 -0.53
N GLU A 512 6.58 26.94 -0.97
CA GLU A 512 7.44 27.61 -1.94
C GLU A 512 8.91 27.16 -1.95
N ARG A 513 9.31 26.52 -3.04
CA ARG A 513 10.70 26.06 -3.22
C ARG A 513 11.21 25.00 -2.25
N GLU A 514 10.34 24.15 -1.74
CA GLU A 514 10.77 23.10 -0.81
C GLU A 514 10.12 21.75 -1.11
N GLY A 515 8.87 21.77 -1.55
CA GLY A 515 8.19 20.53 -1.84
C GLY A 515 6.74 20.58 -1.44
N TYR A 516 6.11 19.41 -1.35
CA TYR A 516 4.71 19.27 -0.97
C TYR A 516 4.64 18.68 0.44
N PHE A 517 3.79 19.26 1.29
CA PHE A 517 3.69 18.83 2.68
C PHE A 517 2.26 18.78 3.18
N CYS A 518 2.03 17.96 4.19
CA CYS A 518 0.70 17.86 4.78
C CYS A 518 0.89 17.67 6.29
N LEU A 519 -0.13 18.06 7.05
CA LEU A 519 -0.09 17.98 8.50
C LEU A 519 -0.06 16.50 8.93
N ASP A 520 0.84 16.16 9.87
CA ASP A 520 0.93 14.77 10.35
C ASP A 520 -0.24 14.49 11.24
N SER A 521 -0.98 13.45 10.87
CA SER A 521 -2.19 13.05 11.57
C SER A 521 -1.99 12.54 13.00
N ARG A 522 -0.79 12.02 13.27
CA ARG A 522 -0.46 11.47 14.58
C ARG A 522 0.09 12.48 15.59
N HIS A 523 1.10 13.24 15.17
CA HIS A 523 1.72 14.23 16.04
C HIS A 523 1.23 15.63 15.62
N THR A 525 0.14 19.39 16.14
CA THR A 525 -1.22 19.48 16.65
C THR A 525 -1.77 20.92 16.60
N ALA A 526 -1.86 21.53 17.78
CA ALA A 526 -2.38 22.90 17.92
C ALA A 526 -1.25 23.93 18.04
N GLU A 527 -0.61 23.95 19.21
CA GLU A 527 0.50 24.88 19.46
C GLU A 527 1.78 24.46 18.73
N LYS A 528 1.76 23.25 18.18
CA LYS A 528 2.92 22.73 17.48
C LYS A 528 2.50 21.78 16.36
N PRO A 529 2.15 22.35 15.18
CA PRO A 529 1.73 21.53 14.03
C PRO A 529 2.92 20.81 13.42
N VAL A 530 2.72 19.57 12.99
CA VAL A 530 3.77 18.75 12.38
C VAL A 530 3.51 18.55 10.90
N PHE A 531 4.48 18.91 10.07
CA PHE A 531 4.36 18.77 8.63
C PHE A 531 5.25 17.70 8.03
N ASN A 532 4.62 16.74 7.34
CA ASN A 532 5.34 15.63 6.69
C ASN A 532 5.64 16.02 5.22
N ARG A 533 6.88 15.86 4.78
CA ARG A 533 7.20 16.16 3.37
C ARG A 533 6.85 14.97 2.44
N THR A 534 5.67 15.07 1.82
CA THR A 534 5.15 14.07 0.90
C THR A 534 6.14 13.74 -0.21
N VAL A 535 6.36 14.73 -1.07
CA VAL A 535 7.29 14.61 -2.20
C VAL A 535 7.83 16.00 -2.52
N GLY A 536 8.94 16.07 -3.26
CA GLY A 536 9.53 17.36 -3.61
C GLY A 536 9.09 17.94 -4.94
N LEU A 537 9.78 18.98 -5.39
CA LEU A 537 9.46 19.61 -6.68
C LEU A 537 10.14 18.84 -7.80
N ARG A 538 9.56 18.89 -9.00
CA ARG A 538 10.17 18.17 -10.12
C ARG A 538 11.52 18.80 -10.47
N ASP A 539 11.62 20.12 -10.29
CA ASP A 539 12.84 20.86 -10.56
C ASP A 539 14.06 20.13 -10.00
#